data_3VRI
#
_entry.id   3VRI
#
_cell.length_a   64.279
_cell.length_b   49.061
_cell.length_c   71.027
_cell.angle_alpha   90.00
_cell.angle_beta   99.39
_cell.angle_gamma   90.00
#
_symmetry.space_group_name_H-M   'P 1 21 1'
#
loop_
_entity.id
_entity.type
_entity.pdbx_description
1 polymer 'HLA class I histocompatibility antigen, B-57 alpha chain'
2 polymer Beta-2-microglobulin
3 polymer '10-mer peptide'
4 non-polymer {(1S,4R)-4-[2-amino-6-(cyclopropylamino)-9H-purin-9-yl]cyclopent-2-en-1-yl}methanol
5 non-polymer 'SULFATE ION'
6 water water
#
loop_
_entity_poly.entity_id
_entity_poly.type
_entity_poly.pdbx_seq_one_letter_code
_entity_poly.pdbx_strand_id
1 'polypeptide(L)'
;GSHSMRYFYTAMSRPGRGEPRFIAVGYVDDTQFVRFDSDAASPRMAPRAPWIEQEGPEYWDGETRNMKASAQTYRENLRI
ALRYYNQSEAGSHIIQVMYGCDVGPDGRLLRGHDQSAYDGKDYIALNEDLSSWTAADTAAQITQRKWEAARVAEQLRAYL
EGLCVEWLRRYLENGKETLQRADPPKTHVTHHPISDHEATLRCWALGFYPAEITLTWQRDGEDQTQDTELVETRPAGDRT
FQKWAAVVVPSGEEQRYTCHVQHEGLPKPLTLRWEP
;
A
2 'polypeptide(L)'
;MIQRTPKIQVYSRHPAENGKSNFLNCYVSGFHPSDIEVDLLKNGERIEKVEHSDLSFSKDWSFYLLYYTEFTPTEKDEYA
CRVNHVTLSQPKIVKWDRDM
;
B
3 'polypeptide(L)' RVAQLEQVYI C
#
# COMPACT_ATOMS: atom_id res chain seq x y z
N SER A 2 17.57 -9.52 3.31
CA SER A 2 17.58 -8.30 2.49
C SER A 2 16.48 -7.33 2.95
N HIS A 3 16.73 -6.03 2.80
CA HIS A 3 15.77 -5.01 3.22
C HIS A 3 15.71 -3.84 2.26
N SER A 4 14.65 -3.03 2.37
CA SER A 4 14.47 -1.90 1.48
C SER A 4 13.94 -0.67 2.22
N MET A 5 14.27 0.51 1.68
CA MET A 5 13.58 1.73 2.05
C MET A 5 13.00 2.32 0.79
N ARG A 6 11.72 2.70 0.85
CA ARG A 6 11.05 3.28 -0.30
C ARG A 6 10.22 4.47 0.09
N TYR A 7 10.32 5.52 -0.70
CA TYR A 7 9.43 6.65 -0.53
C TYR A 7 8.53 6.74 -1.74
N PHE A 8 7.29 7.14 -1.48
CA PHE A 8 6.28 7.25 -2.51
C PHE A 8 5.69 8.65 -2.45
N TYR A 9 5.89 9.44 -3.50
CA TYR A 9 5.36 10.80 -3.56
C TYR A 9 4.25 10.87 -4.59
N THR A 10 3.13 11.49 -4.23
CA THR A 10 2.05 11.74 -5.18
C THR A 10 1.74 13.23 -5.19
N ALA A 11 1.69 13.82 -6.38
CA ALA A 11 1.30 15.23 -6.53
C ALA A 11 0.12 15.28 -7.48
N MET A 12 -0.97 15.92 -7.05
CA MET A 12 -2.21 15.89 -7.80
CA MET A 12 -2.19 15.89 -7.81
C MET A 12 -2.80 17.28 -7.94
N SER A 13 -2.90 17.76 -9.18
CA SER A 13 -3.51 19.06 -9.39
C SER A 13 -5.02 18.94 -9.31
N ARG A 14 -5.69 20.05 -9.01
CA ARG A 14 -7.13 20.05 -8.82
C ARG A 14 -7.64 21.46 -9.10
N PRO A 15 -7.73 21.82 -10.39
CA PRO A 15 -8.12 23.16 -10.83
C PRO A 15 -9.45 23.59 -10.22
N GLY A 16 -9.48 24.79 -9.64
CA GLY A 16 -10.68 25.28 -8.98
C GLY A 16 -10.92 24.60 -7.65
N ARG A 17 -9.87 24.02 -7.09
CA ARG A 17 -9.96 23.38 -5.77
C ARG A 17 -8.71 23.67 -4.94
N GLY A 18 -7.96 24.69 -5.32
CA GLY A 18 -6.76 25.06 -4.60
C GLY A 18 -5.49 24.51 -5.24
N GLU A 19 -4.36 24.73 -4.59
CA GLU A 19 -3.08 24.27 -5.11
C GLU A 19 -3.03 22.74 -5.10
N PRO A 20 -2.16 22.15 -5.94
CA PRO A 20 -2.06 20.70 -6.01
C PRO A 20 -1.74 20.07 -4.66
N ARG A 21 -2.34 18.90 -4.41
CA ARG A 21 -2.08 18.16 -3.20
C ARG A 21 -0.78 17.37 -3.34
N PHE A 22 0.04 17.39 -2.30
CA PHE A 22 1.27 16.61 -2.27
C PHE A 22 1.27 15.70 -1.05
N ILE A 23 1.37 14.39 -1.28
CA ILE A 23 1.39 13.40 -0.22
C ILE A 23 2.63 12.54 -0.38
N ALA A 24 3.36 12.34 0.71
CA ALA A 24 4.53 11.49 0.67
C ALA A 24 4.46 10.48 1.80
N VAL A 25 4.82 9.24 1.53
CA VAL A 25 4.91 8.22 2.56
C VAL A 25 6.22 7.47 2.43
N GLY A 26 6.76 7.04 3.56
CA GLY A 26 7.98 6.26 3.57
C GLY A 26 7.78 4.90 4.20
N TYR A 27 8.44 3.91 3.63
CA TYR A 27 8.40 2.54 4.14
C TYR A 27 9.79 2.00 4.36
N VAL A 28 9.94 1.20 5.39
CA VAL A 28 11.05 0.26 5.49
C VAL A 28 10.40 -1.12 5.37
N ASP A 29 10.83 -1.88 4.36
CA ASP A 29 10.17 -3.15 4.03
C ASP A 29 8.65 -2.93 3.90
N ASP A 30 7.85 -3.71 4.64
CA ASP A 30 6.40 -3.57 4.57
C ASP A 30 5.82 -2.67 5.66
N THR A 31 6.67 -1.87 6.29
CA THR A 31 6.23 -1.03 7.39
C THR A 31 6.30 0.46 7.06
N GLN A 32 5.16 1.14 7.08
CA GLN A 32 5.17 2.59 6.85
C GLN A 32 5.72 3.29 8.08
N PHE A 33 6.62 4.26 7.90
CA PHE A 33 7.21 4.92 9.07
C PHE A 33 7.07 6.44 9.13
N VAL A 34 6.87 7.09 7.98
CA VAL A 34 6.61 8.53 7.97
C VAL A 34 5.52 8.89 6.97
N ARG A 35 4.93 10.06 7.15
CA ARG A 35 3.98 10.62 6.19
C ARG A 35 4.08 12.13 6.16
N PHE A 36 3.77 12.70 5.00
CA PHE A 36 3.60 14.14 4.86
C PHE A 36 2.38 14.36 3.97
N ASP A 37 1.47 15.23 4.40
CA ASP A 37 0.29 15.55 3.61
C ASP A 37 0.11 17.06 3.62
N SER A 38 0.14 17.67 2.44
CA SER A 38 0.02 19.11 2.35
C SER A 38 -1.37 19.59 2.75
N ASP A 39 -2.32 18.67 2.90
CA ASP A 39 -3.68 19.00 3.30
C ASP A 39 -3.94 18.79 4.79
N ALA A 40 -2.88 18.46 5.54
CA ALA A 40 -2.99 18.37 7.00
C ALA A 40 -3.02 19.79 7.57
N ALA A 41 -3.47 19.91 8.83
CA ALA A 41 -3.69 21.21 9.45
C ALA A 41 -2.39 22.03 9.60
N SER A 42 -1.35 21.38 10.08
CA SER A 42 -0.01 21.96 10.10
CA SER A 42 -0.01 21.95 10.10
C SER A 42 0.96 20.98 9.44
N PRO A 43 1.18 21.15 8.12
CA PRO A 43 1.95 20.20 7.31
C PRO A 43 3.36 19.95 7.84
N ARG A 44 3.65 18.70 8.14
CA ARG A 44 4.95 18.32 8.66
C ARG A 44 5.17 16.82 8.46
N MET A 45 6.42 16.42 8.32
CA MET A 45 6.75 15.01 8.31
C MET A 45 6.41 14.46 9.70
N ALA A 46 5.64 13.38 9.74
CA ALA A 46 5.11 12.86 10.99
C ALA A 46 5.38 11.36 11.10
N PRO A 47 5.63 10.88 12.34
CA PRO A 47 5.93 9.46 12.58
C PRO A 47 4.72 8.56 12.39
N ARG A 48 4.96 7.37 11.82
CA ARG A 48 3.91 6.38 11.63
C ARG A 48 4.31 4.99 12.14
N ALA A 49 5.52 4.88 12.66
CA ALA A 49 5.99 3.66 13.31
C ALA A 49 6.66 4.04 14.64
N PRO A 50 6.52 3.20 15.67
CA PRO A 50 7.03 3.57 17.00
C PRO A 50 8.53 3.84 17.04
N TRP A 51 9.30 3.14 16.23
CA TRP A 51 10.77 3.22 16.29
C TRP A 51 11.37 4.47 15.62
N ILE A 52 10.54 5.28 14.98
CA ILE A 52 11.00 6.53 14.39
C ILE A 52 10.70 7.71 15.32
N GLU A 53 9.87 7.46 16.33
CA GLU A 53 9.44 8.53 17.22
C GLU A 53 10.58 9.09 18.04
N GLN A 54 11.63 8.29 18.22
CA GLN A 54 12.78 8.71 19.01
C GLN A 54 13.63 9.74 18.27
N GLU A 55 13.31 9.97 17.00
CA GLU A 55 14.02 10.98 16.24
C GLU A 55 13.72 12.37 16.79
N GLY A 56 14.76 13.20 16.86
CA GLY A 56 14.66 14.51 17.45
C GLY A 56 14.22 15.59 16.50
N PRO A 57 14.21 16.84 16.98
CA PRO A 57 13.67 17.98 16.23
C PRO A 57 14.39 18.27 14.92
N GLU A 58 15.70 18.04 14.87
CA GLU A 58 16.46 18.32 13.66
C GLU A 58 16.00 17.39 12.53
N TYR A 59 15.63 16.17 12.89
CA TYR A 59 15.11 15.21 11.93
C TYR A 59 13.79 15.68 11.37
N TRP A 60 12.82 15.90 12.25
CA TRP A 60 11.47 16.29 11.83
C TRP A 60 11.42 17.65 11.14
N ASP A 61 12.14 18.63 11.67
CA ASP A 61 12.19 19.94 11.02
C ASP A 61 12.85 19.84 9.65
N GLY A 62 13.90 19.04 9.57
CA GLY A 62 14.66 18.88 8.33
C GLY A 62 13.85 18.18 7.26
N GLU A 63 13.16 17.10 7.64
CA GLU A 63 12.31 16.37 6.70
C GLU A 63 11.12 17.24 6.26
N THR A 64 10.56 18.00 7.19
CA THR A 64 9.45 18.88 6.87
C THR A 64 9.88 19.94 5.87
N ARG A 65 11.06 20.51 6.08
CA ARG A 65 11.60 21.50 5.16
C ARG A 65 11.78 20.92 3.77
N ASN A 66 12.29 19.69 3.71
CA ASN A 66 12.52 19.05 2.43
CA ASN A 66 12.52 19.02 2.45
C ASN A 66 11.21 18.70 1.75
N MET A 67 10.21 18.28 2.52
CA MET A 67 8.89 17.97 1.98
C MET A 67 8.19 19.18 1.40
N LYS A 68 8.26 20.29 2.13
CA LYS A 68 7.66 21.53 1.64
C LYS A 68 8.30 21.99 0.33
N ALA A 69 9.62 21.85 0.25
CA ALA A 69 10.33 22.25 -0.95
C ALA A 69 10.01 21.32 -2.11
N SER A 70 9.88 20.03 -1.81
CA SER A 70 9.52 19.05 -2.83
C SER A 70 8.11 19.31 -3.34
N ALA A 71 7.19 19.65 -2.44
CA ALA A 71 5.82 19.95 -2.86
C ALA A 71 5.81 21.10 -3.84
N GLN A 72 6.60 22.15 -3.56
CA GLN A 72 6.67 23.28 -4.46
C GLN A 72 7.26 22.90 -5.82
N THR A 73 8.31 22.07 -5.81
CA THR A 73 8.94 21.63 -7.05
C THR A 73 7.99 20.76 -7.88
N TYR A 74 7.29 19.85 -7.22
CA TYR A 74 6.35 19.00 -7.92
C TYR A 74 5.17 19.79 -8.48
N ARG A 75 4.78 20.87 -7.79
CA ARG A 75 3.73 21.74 -8.32
C ARG A 75 4.19 22.41 -9.61
N GLU A 76 5.45 22.83 -9.64
CA GLU A 76 6.01 23.39 -10.87
C GLU A 76 6.12 22.31 -11.95
N ASN A 77 6.47 21.10 -11.55
CA ASN A 77 6.56 20.00 -12.51
C ASN A 77 5.23 19.65 -13.16
N LEU A 78 4.14 19.79 -12.40
CA LEU A 78 2.81 19.63 -12.98
C LEU A 78 2.56 20.69 -14.05
N ARG A 79 3.01 21.92 -13.80
CA ARG A 79 2.87 22.99 -14.80
C ARG A 79 3.69 22.70 -16.05
N ILE A 80 4.92 22.26 -15.86
CA ILE A 80 5.79 21.92 -16.99
C ILE A 80 5.20 20.79 -17.82
N ALA A 81 4.66 19.78 -17.15
CA ALA A 81 4.04 18.65 -17.84
C ALA A 81 2.90 19.10 -18.74
N LEU A 82 2.12 20.08 -18.28
CA LEU A 82 1.03 20.62 -19.08
C LEU A 82 1.56 21.16 -20.39
N ARG A 83 2.71 21.83 -20.33
CA ARG A 83 3.35 22.35 -21.53
C ARG A 83 3.84 21.24 -22.44
N TYR A 84 4.56 20.27 -21.87
CA TYR A 84 5.11 19.17 -22.66
C TYR A 84 4.01 18.42 -23.43
N TYR A 85 2.86 18.23 -22.79
CA TYR A 85 1.79 17.44 -23.38
C TYR A 85 0.68 18.28 -24.02
N ASN A 86 0.87 19.60 -24.07
CA ASN A 86 -0.12 20.50 -24.63
C ASN A 86 -1.51 20.30 -24.00
N GLN A 87 -1.55 20.27 -22.67
CA GLN A 87 -2.79 20.02 -21.95
C GLN A 87 -3.34 21.29 -21.34
N SER A 88 -4.66 21.29 -21.12
CA SER A 88 -5.36 22.46 -20.60
C SER A 88 -5.21 22.61 -19.09
N GLU A 89 -5.37 23.84 -18.62
CA GLU A 89 -5.26 24.15 -17.20
C GLU A 89 -6.48 23.67 -16.40
N ALA A 90 -7.46 23.11 -17.09
CA ALA A 90 -8.73 22.77 -16.46
C ALA A 90 -8.79 21.31 -16.00
N GLY A 91 -7.87 20.49 -16.49
CA GLY A 91 -7.83 19.09 -16.13
C GLY A 91 -6.99 18.81 -14.90
N SER A 92 -7.33 17.73 -14.19
CA SER A 92 -6.53 17.30 -13.05
C SER A 92 -5.51 16.26 -13.50
N HIS A 93 -4.28 16.40 -13.03
CA HIS A 93 -3.21 15.50 -13.42
C HIS A 93 -2.40 15.03 -12.23
N ILE A 94 -1.69 13.92 -12.40
CA ILE A 94 -1.01 13.27 -11.29
C ILE A 94 0.43 12.92 -11.64
N ILE A 95 1.36 13.33 -10.78
CA ILE A 95 2.73 12.82 -10.81
C ILE A 95 2.91 11.83 -9.66
N GLN A 96 3.46 10.66 -9.97
CA GLN A 96 3.85 9.69 -8.94
C GLN A 96 5.33 9.38 -9.06
N VAL A 97 6.04 9.40 -7.95
CA VAL A 97 7.44 9.05 -7.94
C VAL A 97 7.72 8.04 -6.82
N MET A 98 8.46 6.99 -7.11
CA MET A 98 8.92 6.09 -6.06
CA MET A 98 8.92 6.09 -6.06
C MET A 98 10.44 5.91 -6.16
N TYR A 99 11.12 6.03 -5.04
CA TYR A 99 12.57 5.91 -5.04
C TYR A 99 13.06 5.31 -3.74
N GLY A 100 14.28 4.81 -3.75
CA GLY A 100 14.85 4.25 -2.53
C GLY A 100 15.93 3.24 -2.80
N CYS A 101 16.34 2.53 -1.75
CA CYS A 101 17.47 1.63 -1.86
C CYS A 101 17.17 0.27 -1.25
N ASP A 102 17.84 -0.75 -1.77
CA ASP A 102 17.76 -2.10 -1.23
C ASP A 102 19.14 -2.46 -0.69
N VAL A 103 19.19 -3.08 0.48
CA VAL A 103 20.46 -3.56 1.03
C VAL A 103 20.40 -5.06 1.30
N GLY A 104 21.56 -5.71 1.29
CA GLY A 104 21.63 -7.13 1.59
C GLY A 104 21.75 -7.37 3.09
N PRO A 105 21.85 -8.64 3.49
CA PRO A 105 21.88 -8.96 4.94
C PRO A 105 23.12 -8.39 5.64
N ASP A 106 24.14 -8.02 4.88
CA ASP A 106 25.33 -7.41 5.46
C ASP A 106 25.29 -5.87 5.42
N GLY A 107 24.22 -5.33 4.84
CA GLY A 107 24.01 -3.89 4.85
C GLY A 107 24.56 -3.15 3.64
N ARG A 108 25.19 -3.87 2.72
CA ARG A 108 25.73 -3.24 1.51
C ARG A 108 24.62 -2.98 0.50
N LEU A 109 24.71 -1.85 -0.20
CA LEU A 109 23.74 -1.50 -1.23
C LEU A 109 23.64 -2.58 -2.31
N LEU A 110 22.43 -3.05 -2.55
CA LEU A 110 22.16 -4.01 -3.60
C LEU A 110 21.76 -3.30 -4.88
N ARG A 111 20.88 -2.32 -4.73
CA ARG A 111 20.28 -1.67 -5.88
C ARG A 111 19.65 -0.35 -5.45
N GLY A 112 19.69 0.65 -6.33
CA GLY A 112 18.99 1.89 -6.10
C GLY A 112 17.82 2.00 -7.06
N HIS A 113 16.82 2.79 -6.68
CA HIS A 113 15.61 2.93 -7.48
C HIS A 113 15.16 4.38 -7.57
N ASP A 114 14.68 4.77 -8.75
CA ASP A 114 13.98 6.03 -8.91
C ASP A 114 13.18 5.99 -10.20
N GLN A 115 11.86 5.90 -10.10
CA GLN A 115 11.04 5.86 -11.30
C GLN A 115 9.76 6.60 -11.08
N SER A 116 9.13 7.01 -12.16
CA SER A 116 7.97 7.85 -12.03
C SER A 116 6.95 7.63 -13.12
N ALA A 117 5.75 8.15 -12.88
CA ALA A 117 4.67 8.08 -13.84
C ALA A 117 3.94 9.41 -13.87
N TYR A 118 3.41 9.76 -15.05
CA TYR A 118 2.54 10.91 -15.18
C TYR A 118 1.20 10.38 -15.67
N ASP A 119 0.14 10.72 -14.93
CA ASP A 119 -1.20 10.20 -15.18
C ASP A 119 -1.22 8.67 -15.35
N GLY A 120 -0.46 7.98 -14.50
CA GLY A 120 -0.51 6.53 -14.45
C GLY A 120 0.32 5.81 -15.49
N LYS A 121 1.03 6.54 -16.32
CA LYS A 121 1.88 5.94 -17.34
C LYS A 121 3.33 6.21 -17.01
N ASP A 122 4.20 5.21 -17.18
CA ASP A 122 5.64 5.36 -16.98
C ASP A 122 6.13 6.64 -17.64
N TYR A 123 6.94 7.40 -16.91
CA TYR A 123 7.52 8.62 -17.44
C TYR A 123 9.04 8.47 -17.61
N ILE A 124 9.76 8.49 -16.50
CA ILE A 124 11.22 8.34 -16.58
C ILE A 124 11.72 7.52 -15.38
N ALA A 125 12.74 6.71 -15.62
CA ALA A 125 13.28 5.86 -14.57
C ALA A 125 14.80 5.88 -14.61
N LEU A 126 15.40 5.92 -13.43
CA LEU A 126 16.85 5.80 -13.30
C LEU A 126 17.21 4.34 -13.54
N ASN A 127 18.13 4.10 -14.46
CA ASN A 127 18.54 2.73 -14.72
C ASN A 127 19.37 2.16 -13.58
N GLU A 128 19.49 0.83 -13.58
CA GLU A 128 20.24 0.09 -12.56
C GLU A 128 21.68 0.58 -12.41
N ASP A 129 22.27 1.06 -13.50
CA ASP A 129 23.63 1.57 -13.48
C ASP A 129 23.76 2.87 -12.67
N LEU A 130 22.61 3.44 -12.30
CA LEU A 130 22.54 4.69 -11.55
C LEU A 130 23.21 5.85 -12.28
N SER A 131 23.34 5.75 -13.60
CA SER A 131 24.07 6.75 -14.38
C SER A 131 23.33 7.17 -15.66
N SER A 132 22.25 6.48 -15.98
CA SER A 132 21.49 6.76 -17.19
C SER A 132 20.00 6.64 -16.92
N TRP A 133 19.19 7.16 -17.84
CA TRP A 133 17.74 7.19 -17.69
C TRP A 133 17.05 6.45 -18.83
N THR A 134 15.92 5.83 -18.51
CA THR A 134 15.05 5.30 -19.55
C THR A 134 13.80 6.17 -19.58
N ALA A 135 13.57 6.81 -20.72
CA ALA A 135 12.47 7.74 -20.89
C ALA A 135 11.40 7.08 -21.74
N ALA A 136 10.16 7.14 -21.29
CA ALA A 136 9.08 6.39 -21.95
C ALA A 136 8.52 7.04 -23.22
N ASP A 137 8.54 8.37 -23.28
CA ASP A 137 7.92 9.06 -24.42
C ASP A 137 8.69 10.33 -24.79
N THR A 138 8.18 11.06 -25.77
CA THR A 138 8.84 12.29 -26.21
C THR A 138 8.98 13.33 -25.10
N ALA A 139 7.94 13.47 -24.27
CA ALA A 139 8.01 14.41 -23.15
C ALA A 139 9.12 14.02 -22.18
N ALA A 140 9.15 12.76 -21.76
CA ALA A 140 10.18 12.29 -20.84
C ALA A 140 11.59 12.39 -21.43
N GLN A 141 11.70 12.33 -22.76
CA GLN A 141 12.99 12.54 -23.42
C GLN A 141 13.48 13.98 -23.23
N ILE A 142 12.56 14.94 -23.18
CA ILE A 142 12.93 16.33 -22.92
C ILE A 142 13.53 16.41 -21.52
N THR A 143 12.88 15.74 -20.57
CA THR A 143 13.36 15.71 -19.20
C THR A 143 14.72 15.01 -19.11
N GLN A 144 14.86 13.90 -19.81
CA GLN A 144 16.11 13.14 -19.82
C GLN A 144 17.30 14.02 -20.21
N ARG A 145 17.14 14.80 -21.27
CA ARG A 145 18.20 15.68 -21.74
C ARG A 145 18.52 16.75 -20.70
N LYS A 146 17.49 17.36 -20.13
CA LYS A 146 17.71 18.36 -19.07
C LYS A 146 18.44 17.75 -17.89
N TRP A 147 18.08 16.52 -17.54
CA TRP A 147 18.68 15.87 -16.40
C TRP A 147 20.11 15.40 -16.65
N GLU A 148 20.44 15.09 -17.90
CA GLU A 148 21.81 14.74 -18.25
C GLU A 148 22.67 16.00 -18.14
N ALA A 149 22.14 17.12 -18.64
CA ALA A 149 22.84 18.40 -18.57
C ALA A 149 23.11 18.84 -17.13
N ALA A 150 22.14 18.63 -16.24
CA ALA A 150 22.22 19.11 -14.86
C ALA A 150 22.80 18.08 -13.89
N ARG A 151 23.28 16.96 -14.42
CA ARG A 151 23.95 15.92 -13.62
C ARG A 151 23.07 15.40 -12.50
N VAL A 152 21.79 15.23 -12.80
CA VAL A 152 20.81 14.79 -11.81
C VAL A 152 21.11 13.35 -11.36
N ALA A 153 21.45 12.48 -12.31
CA ALA A 153 21.76 11.08 -11.98
C ALA A 153 22.88 10.96 -10.95
N GLU A 154 23.92 11.77 -11.08
CA GLU A 154 25.01 11.71 -10.10
C GLU A 154 24.56 12.12 -8.72
N GLN A 155 23.69 13.12 -8.64
CA GLN A 155 23.19 13.56 -7.35
C GLN A 155 22.32 12.48 -6.72
N LEU A 156 21.50 11.84 -7.53
CA LEU A 156 20.62 10.81 -7.03
C LEU A 156 21.44 9.59 -6.62
N ARG A 157 22.43 9.23 -7.44
CA ARG A 157 23.35 8.16 -7.12
C ARG A 157 24.02 8.39 -5.77
N ALA A 158 24.43 9.64 -5.53
CA ALA A 158 25.10 9.98 -4.28
C ALA A 158 24.18 9.74 -3.08
N TYR A 159 22.91 10.09 -3.24
CA TYR A 159 21.92 9.81 -2.22
C TYR A 159 21.73 8.31 -2.01
N LEU A 160 21.50 7.59 -3.10
CA LEU A 160 21.16 6.17 -3.00
C LEU A 160 22.29 5.34 -2.40
N GLU A 161 23.53 5.69 -2.74
CA GLU A 161 24.70 4.97 -2.25
C GLU A 161 25.12 5.46 -0.86
N GLY A 162 24.70 6.65 -0.49
CA GLY A 162 25.14 7.26 0.75
C GLY A 162 24.06 7.33 1.82
N LEU A 163 23.41 8.47 1.91
CA LEU A 163 22.37 8.73 2.91
C LEU A 163 21.28 7.65 2.97
N CYS A 164 20.86 7.15 1.81
CA CYS A 164 19.78 6.17 1.77
C CYS A 164 20.15 4.91 2.54
N VAL A 165 21.31 4.36 2.22
CA VAL A 165 21.81 3.13 2.85
C VAL A 165 22.08 3.36 4.34
N GLU A 166 22.71 4.48 4.63
CA GLU A 166 23.07 4.84 6.00
C GLU A 166 21.84 4.91 6.91
N TRP A 167 20.80 5.59 6.46
CA TRP A 167 19.60 5.70 7.29
C TRP A 167 18.75 4.42 7.33
N LEU A 168 18.73 3.68 6.24
CA LEU A 168 18.06 2.38 6.24
C LEU A 168 18.67 1.48 7.30
N ARG A 169 20.00 1.44 7.37
CA ARG A 169 20.68 0.63 8.36
C ARG A 169 20.32 1.07 9.77
N ARG A 170 20.25 2.38 9.97
CA ARG A 170 19.87 2.95 11.25
C ARG A 170 18.45 2.57 11.65
N TYR A 171 17.51 2.67 10.70
CA TYR A 171 16.13 2.31 10.96
C TYR A 171 15.97 0.82 11.31
N LEU A 172 16.70 -0.02 10.58
CA LEU A 172 16.65 -1.47 10.80
C LEU A 172 17.16 -1.85 12.19
N GLU A 173 18.16 -1.13 12.68
CA GLU A 173 18.67 -1.39 14.03
C GLU A 173 17.70 -0.89 15.09
N ASN A 174 17.22 0.34 14.92
CA ASN A 174 16.29 0.94 15.87
C ASN A 174 14.96 0.19 15.97
N GLY A 175 14.54 -0.40 14.87
CA GLY A 175 13.27 -1.14 14.85
C GLY A 175 13.47 -2.63 14.71
N LYS A 176 14.62 -3.13 15.16
CA LYS A 176 14.97 -4.54 14.94
C LYS A 176 13.99 -5.52 15.56
N GLU A 177 13.34 -5.13 16.65
CA GLU A 177 12.43 -6.03 17.36
C GLU A 177 11.15 -6.32 16.57
N THR A 178 10.82 -5.44 15.63
CA THR A 178 9.68 -5.64 14.75
C THR A 178 10.09 -5.90 13.30
N LEU A 179 11.01 -5.07 12.80
CA LEU A 179 11.44 -5.16 11.41
C LEU A 179 12.26 -6.41 11.10
N GLN A 180 12.95 -6.94 12.09
CA GLN A 180 13.82 -8.09 11.86
C GLN A 180 13.37 -9.31 12.66
N ARG A 181 12.09 -9.32 13.01
CA ARG A 181 11.47 -10.44 13.71
CA ARG A 181 11.47 -10.45 13.70
C ARG A 181 10.14 -10.76 13.05
N ALA A 182 10.12 -11.82 12.24
CA ALA A 182 8.91 -12.18 11.53
C ALA A 182 7.82 -12.63 12.49
N ASP A 183 6.63 -12.18 12.16
CA ASP A 183 5.42 -12.47 12.90
C ASP A 183 4.66 -13.59 12.15
N PRO A 184 4.61 -14.83 12.70
CA PRO A 184 3.92 -15.89 11.96
C PRO A 184 2.41 -15.65 11.96
N PRO A 185 1.71 -16.20 10.96
CA PRO A 185 0.26 -16.07 10.93
C PRO A 185 -0.38 -16.94 12.00
N LYS A 186 -1.49 -16.46 12.55
CA LYS A 186 -2.40 -17.29 13.30
C LYS A 186 -3.33 -17.88 12.25
N THR A 187 -3.55 -19.18 12.31
CA THR A 187 -4.26 -19.86 11.23
C THR A 187 -5.42 -20.68 11.75
N HIS A 188 -6.46 -20.80 10.92
CA HIS A 188 -7.58 -21.69 11.20
C HIS A 188 -8.40 -21.96 9.94
N VAL A 189 -9.14 -23.07 9.95
CA VAL A 189 -9.99 -23.43 8.82
C VAL A 189 -11.44 -23.35 9.25
N THR A 190 -12.26 -22.65 8.46
CA THR A 190 -13.69 -22.61 8.71
C THR A 190 -14.45 -23.40 7.66
N HIS A 191 -15.66 -23.81 8.02
CA HIS A 191 -16.49 -24.67 7.18
C HIS A 191 -17.86 -24.02 7.08
N HIS A 192 -18.36 -23.88 5.85
CA HIS A 192 -19.67 -23.26 5.63
CA HIS A 192 -19.64 -23.23 5.60
C HIS A 192 -20.45 -23.99 4.55
N PRO A 193 -21.50 -24.70 4.98
CA PRO A 193 -22.34 -25.38 3.99
C PRO A 193 -22.95 -24.37 3.03
N ILE A 194 -22.97 -24.69 1.74
CA ILE A 194 -23.64 -23.86 0.75
C ILE A 194 -24.98 -24.50 0.39
N SER A 195 -25.04 -25.81 0.56
CA SER A 195 -26.25 -26.58 0.31
C SER A 195 -26.10 -27.88 1.08
N ASP A 196 -27.03 -28.80 0.88
CA ASP A 196 -26.87 -30.11 1.49
C ASP A 196 -25.81 -30.94 0.77
N HIS A 197 -25.28 -30.43 -0.33
CA HIS A 197 -24.39 -31.23 -1.16
C HIS A 197 -22.98 -30.67 -1.33
N GLU A 198 -22.76 -29.42 -0.93
CA GLU A 198 -21.46 -28.77 -1.10
C GLU A 198 -21.17 -27.84 0.07
N ALA A 199 -19.90 -27.57 0.30
CA ALA A 199 -19.51 -26.71 1.40
C ALA A 199 -18.25 -25.92 1.05
N THR A 200 -18.12 -24.73 1.64
CA THR A 200 -16.91 -23.95 1.51
C THR A 200 -15.95 -24.25 2.64
N LEU A 201 -14.70 -24.53 2.30
CA LEU A 201 -13.62 -24.56 3.28
C LEU A 201 -12.76 -23.33 3.09
N ARG A 202 -12.57 -22.57 4.16
CA ARG A 202 -11.78 -21.36 4.08
C ARG A 202 -10.60 -21.43 5.04
N CYS A 203 -9.41 -21.24 4.50
CA CYS A 203 -8.19 -21.27 5.29
C CYS A 203 -7.69 -19.85 5.53
N TRP A 204 -7.58 -19.50 6.81
CA TRP A 204 -7.26 -18.13 7.24
C TRP A 204 -5.82 -17.99 7.71
N ALA A 205 -5.17 -16.90 7.30
CA ALA A 205 -3.89 -16.50 7.87
C ALA A 205 -4.01 -15.06 8.37
N LEU A 206 -3.85 -14.87 9.68
CA LEU A 206 -4.09 -13.56 10.26
C LEU A 206 -2.91 -13.06 11.08
N GLY A 207 -2.71 -11.74 11.06
CA GLY A 207 -1.72 -11.12 11.91
C GLY A 207 -0.26 -11.42 11.59
N PHE A 208 0.05 -11.67 10.32
CA PHE A 208 1.43 -11.98 9.93
C PHE A 208 2.21 -10.78 9.39
N TYR A 209 3.53 -10.87 9.49
CA TYR A 209 4.45 -9.88 8.95
C TYR A 209 5.77 -10.58 8.68
N PRO A 210 6.40 -10.32 7.52
CA PRO A 210 5.99 -9.43 6.44
C PRO A 210 4.84 -9.97 5.60
N ALA A 211 4.47 -9.25 4.55
CA ALA A 211 3.29 -9.58 3.76
C ALA A 211 3.41 -10.84 2.93
N GLU A 212 4.62 -11.18 2.50
CA GLU A 212 4.81 -12.36 1.66
C GLU A 212 4.34 -13.63 2.35
N ILE A 213 3.51 -14.39 1.67
CA ILE A 213 2.96 -15.63 2.22
C ILE A 213 2.48 -16.53 1.07
N THR A 214 2.42 -17.84 1.34
CA THR A 214 1.77 -18.75 0.40
C THR A 214 0.70 -19.54 1.13
N LEU A 215 -0.48 -19.60 0.53
CA LEU A 215 -1.64 -20.25 1.11
C LEU A 215 -2.25 -21.09 0.01
N THR A 216 -2.23 -22.41 0.17
CA THR A 216 -2.75 -23.31 -0.86
C THR A 216 -3.61 -24.42 -0.28
N TRP A 217 -4.54 -24.92 -1.10
CA TRP A 217 -5.34 -26.08 -0.73
C TRP A 217 -4.92 -27.30 -1.55
N GLN A 218 -4.88 -28.46 -0.91
CA GLN A 218 -4.65 -29.72 -1.62
C GLN A 218 -5.81 -30.67 -1.37
N ARG A 219 -6.15 -31.46 -2.38
CA ARG A 219 -7.11 -32.55 -2.22
C ARG A 219 -6.37 -33.86 -2.46
N ASP A 220 -6.32 -34.72 -1.45
CA ASP A 220 -5.55 -35.96 -1.54
C ASP A 220 -4.10 -35.69 -1.92
N GLY A 221 -3.57 -34.57 -1.44
CA GLY A 221 -2.20 -34.18 -1.74
C GLY A 221 -2.00 -33.72 -3.16
N GLU A 222 -3.09 -33.31 -3.81
CA GLU A 222 -3.03 -32.73 -5.15
C GLU A 222 -3.39 -31.25 -5.07
N ASP A 223 -2.54 -30.41 -5.64
CA ASP A 223 -2.73 -28.94 -5.57
C ASP A 223 -4.02 -28.47 -6.26
N GLN A 224 -4.75 -27.56 -5.60
CA GLN A 224 -6.04 -27.09 -6.10
C GLN A 224 -6.05 -25.61 -6.44
N THR A 225 -4.89 -25.06 -6.76
CA THR A 225 -4.75 -23.62 -7.00
C THR A 225 -5.75 -23.06 -8.01
N GLN A 226 -6.05 -23.84 -9.06
CA GLN A 226 -6.94 -23.38 -10.12
C GLN A 226 -8.42 -23.39 -9.73
N ASP A 227 -8.75 -24.03 -8.61
CA ASP A 227 -10.12 -24.04 -8.11
C ASP A 227 -10.24 -23.30 -6.78
N THR A 228 -9.20 -22.55 -6.43
CA THR A 228 -9.16 -21.85 -5.16
C THR A 228 -9.45 -20.36 -5.33
N GLU A 229 -10.33 -19.83 -4.48
CA GLU A 229 -10.51 -18.39 -4.39
C GLU A 229 -9.50 -17.84 -3.39
N LEU A 230 -8.60 -17.01 -3.87
CA LEU A 230 -7.51 -16.51 -3.04
C LEU A 230 -7.59 -14.99 -3.03
N VAL A 231 -7.90 -14.41 -1.88
CA VAL A 231 -8.02 -12.96 -1.81
C VAL A 231 -6.66 -12.29 -1.76
N GLU A 232 -6.61 -11.05 -2.24
CA GLU A 232 -5.39 -10.27 -2.18
C GLU A 232 -5.02 -10.03 -0.73
N THR A 233 -3.73 -10.09 -0.44
CA THR A 233 -3.23 -9.82 0.91
C THR A 233 -3.63 -8.41 1.30
N ARG A 234 -4.12 -8.26 2.53
CA ARG A 234 -4.74 -7.02 2.97
C ARG A 234 -4.22 -6.62 4.37
N PRO A 235 -4.14 -5.31 4.63
CA PRO A 235 -3.65 -4.83 5.93
C PRO A 235 -4.67 -5.01 7.04
N ALA A 236 -4.21 -5.52 8.19
CA ALA A 236 -5.12 -5.68 9.33
C ALA A 236 -5.44 -4.33 9.96
N GLY A 237 -4.54 -3.36 9.81
CA GLY A 237 -4.72 -2.05 10.42
C GLY A 237 -3.78 -1.85 11.61
N ASP A 238 -3.07 -2.89 11.98
CA ASP A 238 -2.15 -2.83 13.12
C ASP A 238 -0.72 -3.16 12.71
N ARG A 239 -0.41 -2.92 11.43
CA ARG A 239 0.90 -3.16 10.83
C ARG A 239 1.16 -4.61 10.41
N THR A 240 0.18 -5.49 10.64
CA THR A 240 0.28 -6.86 10.15
C THR A 240 -0.74 -7.11 9.01
N PHE A 241 -0.72 -8.31 8.47
CA PHE A 241 -1.50 -8.60 7.26
C PHE A 241 -2.44 -9.78 7.42
N GLN A 242 -3.39 -9.89 6.50
CA GLN A 242 -4.36 -11.00 6.48
C GLN A 242 -4.45 -11.57 5.08
N LYS A 243 -4.78 -12.86 4.99
CA LYS A 243 -5.11 -13.46 3.70
C LYS A 243 -5.97 -14.68 3.98
N TRP A 244 -6.81 -15.05 3.02
CA TRP A 244 -7.47 -16.34 3.06
C TRP A 244 -7.60 -17.00 1.70
N ALA A 245 -7.80 -18.31 1.71
CA ALA A 245 -7.95 -19.10 0.51
C ALA A 245 -9.13 -20.04 0.74
N ALA A 246 -10.06 -20.08 -0.21
CA ALA A 246 -11.26 -20.91 -0.05
C ALA A 246 -11.47 -21.84 -1.23
N VAL A 247 -12.02 -23.02 -0.95
CA VAL A 247 -12.44 -23.95 -1.99
C VAL A 247 -13.87 -24.41 -1.71
N VAL A 248 -14.64 -24.65 -2.76
CA VAL A 248 -15.94 -25.27 -2.61
C VAL A 248 -15.76 -26.74 -2.90
N VAL A 249 -16.18 -27.57 -1.95
CA VAL A 249 -15.94 -29.01 -2.05
C VAL A 249 -17.24 -29.79 -1.97
N PRO A 250 -17.27 -30.96 -2.62
CA PRO A 250 -18.46 -31.83 -2.48
C PRO A 250 -18.58 -32.30 -1.05
N SER A 251 -19.81 -32.32 -0.52
CA SER A 251 -20.02 -32.79 0.84
C SER A 251 -19.52 -34.22 0.97
N GLY A 252 -18.70 -34.46 1.99
CA GLY A 252 -18.09 -35.77 2.18
C GLY A 252 -16.62 -35.80 1.86
N GLU A 253 -16.13 -34.77 1.16
CA GLU A 253 -14.72 -34.70 0.80
C GLU A 253 -13.86 -33.84 1.74
N GLU A 254 -14.50 -33.17 2.69
CA GLU A 254 -13.82 -32.18 3.55
C GLU A 254 -12.53 -32.65 4.22
N GLN A 255 -12.51 -33.89 4.69
CA GLN A 255 -11.33 -34.40 5.41
C GLN A 255 -10.19 -34.80 4.47
N ARG A 256 -10.47 -34.75 3.17
CA ARG A 256 -9.45 -35.02 2.17
C ARG A 256 -8.71 -33.74 1.77
N TYR A 257 -9.19 -32.61 2.27
CA TYR A 257 -8.62 -31.33 1.90
C TYR A 257 -7.69 -30.80 3.00
N THR A 258 -6.51 -30.35 2.58
CA THR A 258 -5.55 -29.80 3.53
C THR A 258 -5.11 -28.42 3.09
N CYS A 259 -4.99 -27.50 4.04
CA CYS A 259 -4.49 -26.16 3.74
C CYS A 259 -3.02 -26.08 4.12
N HIS A 260 -2.23 -25.50 3.22
CA HIS A 260 -0.79 -25.40 3.40
C HIS A 260 -0.33 -23.95 3.45
N VAL A 261 0.38 -23.62 4.52
CA VAL A 261 0.80 -22.25 4.79
C VAL A 261 2.33 -22.18 4.78
N GLN A 262 2.87 -21.27 3.98
CA GLN A 262 4.30 -21.01 3.95
C GLN A 262 4.53 -19.56 4.34
N HIS A 263 5.33 -19.33 5.37
CA HIS A 263 5.65 -17.98 5.82
C HIS A 263 7.01 -17.92 6.53
N GLU A 264 7.71 -16.80 6.36
CA GLU A 264 9.03 -16.60 6.96
C GLU A 264 9.02 -16.83 8.48
N GLY A 265 7.92 -16.46 9.13
CA GLY A 265 7.79 -16.58 10.57
C GLY A 265 7.49 -17.98 11.06
N LEU A 266 7.20 -18.88 10.12
CA LEU A 266 7.02 -20.28 10.44
C LEU A 266 8.29 -21.03 10.08
N PRO A 267 8.88 -21.73 11.07
CA PRO A 267 10.07 -22.57 10.86
C PRO A 267 9.89 -23.60 9.72
N LYS A 268 8.74 -24.27 9.69
CA LYS A 268 8.48 -25.32 8.71
C LYS A 268 7.13 -25.10 8.04
N PRO A 269 6.94 -25.69 6.84
CA PRO A 269 5.61 -25.63 6.21
C PRO A 269 4.52 -26.11 7.18
N LEU A 270 3.38 -25.41 7.16
CA LEU A 270 2.29 -25.70 8.08
C LEU A 270 1.14 -26.33 7.30
N THR A 271 0.51 -27.36 7.88
CA THR A 271 -0.63 -28.04 7.24
C THR A 271 -1.82 -28.13 8.20
N LEU A 272 -2.99 -27.71 7.72
CA LEU A 272 -4.20 -27.66 8.55
C LEU A 272 -5.39 -28.32 7.86
N ARG A 273 -6.33 -28.79 8.66
CA ARG A 273 -7.62 -29.25 8.15
C ARG A 273 -8.75 -28.65 8.98
N TRP A 274 -9.97 -28.77 8.46
CA TRP A 274 -11.14 -28.45 9.25
C TRP A 274 -11.21 -29.41 10.42
N GLU A 275 -11.29 -28.85 11.62
CA GLU A 275 -11.49 -29.65 12.82
C GLU A 275 -12.90 -29.39 13.35
N PRO A 276 -13.82 -30.32 13.06
CA PRO A 276 -15.24 -30.19 13.43
C PRO A 276 -15.42 -30.18 14.95
N MET B 1 -6.00 10.04 -18.77
CA MET B 1 -7.06 9.24 -19.37
C MET B 1 -6.99 7.77 -18.93
N ILE B 2 -5.90 7.38 -18.28
CA ILE B 2 -5.85 6.05 -17.67
C ILE B 2 -6.81 5.99 -16.49
N GLN B 3 -7.60 4.92 -16.44
CA GLN B 3 -8.58 4.73 -15.39
C GLN B 3 -8.60 3.27 -14.98
N ARG B 4 -8.60 3.03 -13.67
CA ARG B 4 -8.72 1.69 -13.12
C ARG B 4 -9.71 1.74 -11.99
N THR B 5 -10.64 0.78 -11.97
CA THR B 5 -11.71 0.79 -10.96
C THR B 5 -11.22 0.14 -9.68
N PRO B 6 -11.71 0.61 -8.52
CA PRO B 6 -11.19 0.05 -7.27
C PRO B 6 -11.58 -1.40 -7.01
N LYS B 7 -10.62 -2.14 -6.46
CA LYS B 7 -10.89 -3.42 -5.81
C LYS B 7 -11.29 -3.09 -4.39
N ILE B 8 -12.22 -3.84 -3.83
CA ILE B 8 -12.76 -3.54 -2.50
C ILE B 8 -12.81 -4.79 -1.63
N GLN B 9 -12.24 -4.68 -0.43
CA GLN B 9 -12.44 -5.71 0.59
C GLN B 9 -12.90 -5.07 1.89
N VAL B 10 -13.96 -5.62 2.45
CA VAL B 10 -14.47 -5.19 3.76
CA VAL B 10 -14.41 -5.18 3.76
C VAL B 10 -14.31 -6.36 4.73
N TYR B 11 -13.77 -6.08 5.90
CA TYR B 11 -13.41 -7.14 6.83
C TYR B 11 -13.09 -6.55 8.18
N SER B 12 -12.91 -7.41 9.19
CA SER B 12 -12.54 -6.93 10.51
C SER B 12 -11.08 -7.21 10.82
N ARG B 13 -10.52 -6.43 11.74
CA ARG B 13 -9.13 -6.62 12.13
C ARG B 13 -8.91 -7.97 12.82
N HIS B 14 -9.84 -8.32 13.70
CA HIS B 14 -9.82 -9.60 14.40
C HIS B 14 -11.07 -10.40 14.06
N PRO B 15 -11.02 -11.74 14.21
CA PRO B 15 -12.23 -12.54 13.98
C PRO B 15 -13.36 -12.04 14.87
N ALA B 16 -14.52 -11.81 14.28
CA ALA B 16 -15.62 -11.15 14.98
C ALA B 16 -16.19 -11.98 16.13
N GLU B 17 -16.43 -11.32 17.25
CA GLU B 17 -17.17 -11.89 18.38
C GLU B 17 -18.22 -10.88 18.81
N ASN B 18 -19.49 -11.28 18.82
CA ASN B 18 -20.55 -10.36 19.19
C ASN B 18 -20.37 -9.81 20.59
N GLY B 19 -20.41 -8.48 20.70
CA GLY B 19 -20.24 -7.82 21.98
C GLY B 19 -18.80 -7.47 22.29
N LYS B 20 -17.89 -7.90 21.42
CA LYS B 20 -16.47 -7.64 21.62
C LYS B 20 -15.96 -6.57 20.65
N SER B 21 -15.26 -5.58 21.19
CA SER B 21 -14.78 -4.45 20.39
C SER B 21 -13.79 -4.91 19.33
N ASN B 22 -13.81 -4.24 18.18
CA ASN B 22 -13.04 -4.65 17.01
C ASN B 22 -12.79 -3.44 16.12
N PHE B 23 -12.21 -3.66 14.94
CA PHE B 23 -12.11 -2.60 13.93
C PHE B 23 -12.71 -3.10 12.63
N LEU B 24 -13.53 -2.26 12.01
CA LEU B 24 -14.09 -2.56 10.69
C LEU B 24 -13.23 -1.87 9.64
N ASN B 25 -12.73 -2.66 8.69
CA ASN B 25 -11.84 -2.15 7.65
C ASN B 25 -12.50 -2.19 6.28
N CYS B 26 -12.21 -1.17 5.47
CA CYS B 26 -12.51 -1.22 4.05
C CYS B 26 -11.22 -0.86 3.31
N TYR B 27 -10.68 -1.85 2.61
CA TYR B 27 -9.43 -1.68 1.87
C TYR B 27 -9.76 -1.51 0.39
N VAL B 28 -9.39 -0.35 -0.15
CA VAL B 28 -9.62 -0.05 -1.56
C VAL B 28 -8.27 0.02 -2.24
N SER B 29 -8.13 -0.66 -3.38
CA SER B 29 -6.84 -0.73 -4.03
C SER B 29 -6.98 -0.85 -5.55
N GLY B 30 -5.86 -0.79 -6.27
CA GLY B 30 -5.89 -1.00 -7.70
C GLY B 30 -6.55 0.09 -8.52
N PHE B 31 -6.75 1.27 -7.94
CA PHE B 31 -7.49 2.33 -8.63
C PHE B 31 -6.64 3.49 -9.15
N HIS B 32 -7.19 4.18 -10.15
CA HIS B 32 -6.55 5.35 -10.73
C HIS B 32 -7.64 6.08 -11.50
N PRO B 33 -7.72 7.41 -11.39
CA PRO B 33 -6.91 8.34 -10.59
C PRO B 33 -7.23 8.25 -9.10
N SER B 34 -6.66 9.16 -8.31
CA SER B 34 -6.59 8.99 -6.86
C SER B 34 -7.84 9.42 -6.08
N ASP B 35 -8.64 10.33 -6.62
CA ASP B 35 -9.85 10.74 -5.91
C ASP B 35 -10.77 9.56 -5.72
N ILE B 36 -11.22 9.37 -4.49
CA ILE B 36 -12.11 8.26 -4.17
C ILE B 36 -12.92 8.63 -2.92
N GLU B 37 -14.16 8.14 -2.89
CA GLU B 37 -15.03 8.40 -1.75
C GLU B 37 -15.38 7.07 -1.10
N VAL B 38 -15.04 6.93 0.18
CA VAL B 38 -15.30 5.69 0.90
C VAL B 38 -16.02 5.97 2.21
N ASP B 39 -17.17 5.32 2.38
CA ASP B 39 -17.94 5.44 3.61
C ASP B 39 -18.16 4.07 4.22
N LEU B 40 -18.12 4.02 5.55
CA LEU B 40 -18.50 2.80 6.26
CA LEU B 40 -18.50 2.81 6.27
C LEU B 40 -19.93 2.99 6.73
N LEU B 41 -20.75 1.95 6.54
CA LEU B 41 -22.16 2.06 6.87
C LEU B 41 -22.52 1.12 8.02
N LYS B 42 -23.36 1.61 8.93
CA LYS B 42 -24.00 0.76 9.92
C LYS B 42 -25.50 0.82 9.65
N ASN B 43 -26.07 -0.34 9.33
CA ASN B 43 -27.48 -0.43 8.96
C ASN B 43 -27.89 0.60 7.91
N GLY B 44 -27.08 0.72 6.86
CA GLY B 44 -27.39 1.59 5.75
C GLY B 44 -27.00 3.04 5.93
N GLU B 45 -26.58 3.41 7.14
CA GLU B 45 -26.28 4.80 7.45
C GLU B 45 -24.79 5.04 7.67
N ARG B 46 -24.33 6.20 7.20
CA ARG B 46 -22.91 6.56 7.25
C ARG B 46 -22.38 6.68 8.68
N ILE B 47 -21.25 6.03 8.94
CA ILE B 47 -20.57 6.15 10.21
C ILE B 47 -19.69 7.41 10.20
N GLU B 48 -19.77 8.21 11.26
CA GLU B 48 -19.14 9.53 11.28
C GLU B 48 -17.65 9.59 11.61
N LYS B 49 -17.15 8.62 12.39
CA LYS B 49 -15.81 8.74 12.95
C LYS B 49 -14.68 8.09 12.14
N VAL B 50 -14.88 7.91 10.84
CA VAL B 50 -14.00 7.06 10.05
C VAL B 50 -12.65 7.70 9.68
N GLU B 51 -11.57 6.97 9.94
CA GLU B 51 -10.22 7.41 9.59
C GLU B 51 -9.71 6.63 8.40
N HIS B 52 -8.64 7.11 7.78
CA HIS B 52 -8.01 6.35 6.71
C HIS B 52 -6.49 6.49 6.71
N SER B 53 -5.84 5.55 6.03
CA SER B 53 -4.39 5.57 5.89
C SER B 53 -3.96 6.63 4.89
N ASP B 54 -2.66 6.85 4.82
CA ASP B 54 -2.08 7.80 3.89
C ASP B 54 -1.99 7.20 2.50
N LEU B 55 -2.46 7.96 1.50
CA LEU B 55 -2.42 7.54 0.10
C LEU B 55 -1.04 7.04 -0.32
N SER B 56 -1.00 5.80 -0.80
CA SER B 56 0.21 5.23 -1.36
C SER B 56 -0.14 4.50 -2.63
N PHE B 57 0.85 3.85 -3.25
CA PHE B 57 0.59 3.16 -4.51
C PHE B 57 1.49 1.95 -4.71
N SER B 58 1.03 1.05 -5.56
CA SER B 58 1.74 -0.18 -5.88
CA SER B 58 1.75 -0.18 -5.88
C SER B 58 2.72 0.03 -7.04
N LYS B 59 3.48 -1.01 -7.36
CA LYS B 59 4.48 -0.94 -8.42
C LYS B 59 3.88 -0.55 -9.79
N ASP B 60 2.61 -0.90 -10.01
CA ASP B 60 1.96 -0.59 -11.29
C ASP B 60 1.27 0.78 -11.28
N TRP B 61 1.59 1.57 -10.24
CA TRP B 61 1.08 2.94 -10.04
C TRP B 61 -0.35 3.02 -9.51
N SER B 62 -1.00 1.89 -9.28
CA SER B 62 -2.36 1.99 -8.76
CA SER B 62 -2.36 1.87 -8.72
C SER B 62 -2.37 2.32 -7.27
N PHE B 63 -3.35 3.13 -6.88
CA PHE B 63 -3.42 3.61 -5.50
C PHE B 63 -4.09 2.62 -4.55
N TYR B 64 -3.78 2.74 -3.27
CA TYR B 64 -4.49 1.98 -2.25
C TYR B 64 -4.64 2.77 -0.95
N LEU B 65 -5.72 2.49 -0.23
CA LEU B 65 -6.06 3.19 1.00
C LEU B 65 -6.80 2.22 1.91
N LEU B 66 -6.64 2.37 3.22
CA LEU B 66 -7.42 1.60 4.17
C LEU B 66 -8.28 2.56 4.98
N TYR B 67 -9.60 2.36 4.95
CA TYR B 67 -10.53 3.10 5.80
C TYR B 67 -10.94 2.21 6.97
N TYR B 68 -11.02 2.79 8.16
CA TYR B 68 -11.29 1.97 9.35
C TYR B 68 -11.99 2.76 10.45
N THR B 69 -12.70 2.03 11.30
CA THR B 69 -13.31 2.59 12.49
C THR B 69 -13.50 1.51 13.53
N GLU B 70 -13.43 1.88 14.81
CA GLU B 70 -13.72 0.94 15.87
C GLU B 70 -15.20 0.57 15.79
N PHE B 71 -15.51 -0.70 16.02
CA PHE B 71 -16.91 -1.12 16.08
C PHE B 71 -17.08 -2.36 16.95
N THR B 72 -18.31 -2.57 17.41
CA THR B 72 -18.64 -3.76 18.16
C THR B 72 -19.71 -4.54 17.41
N PRO B 73 -19.30 -5.64 16.77
CA PRO B 73 -20.25 -6.46 16.00
C PRO B 73 -21.32 -7.06 16.89
N THR B 74 -22.55 -7.13 16.38
CA THR B 74 -23.63 -7.83 17.05
C THR B 74 -24.24 -8.80 16.06
N GLU B 75 -25.18 -9.60 16.54
CA GLU B 75 -25.86 -10.57 15.68
C GLU B 75 -26.68 -9.90 14.57
N LYS B 76 -27.33 -8.80 14.89
CA LYS B 76 -28.31 -8.20 13.98
C LYS B 76 -27.84 -6.98 13.19
N ASP B 77 -26.85 -6.25 13.70
CA ASP B 77 -26.37 -5.05 13.00
C ASP B 77 -25.66 -5.41 11.70
N GLU B 78 -26.03 -4.70 10.63
CA GLU B 78 -25.40 -4.89 9.33
C GLU B 78 -24.36 -3.82 9.09
N TYR B 79 -23.20 -4.22 8.57
CA TYR B 79 -22.16 -3.26 8.21
C TYR B 79 -21.79 -3.42 6.74
N ALA B 80 -21.26 -2.36 6.15
CA ALA B 80 -20.92 -2.35 4.74
C ALA B 80 -19.96 -1.22 4.44
N CYS B 81 -19.36 -1.27 3.26
CA CYS B 81 -18.51 -0.20 2.76
C CYS B 81 -19.09 0.28 1.44
N ARG B 82 -19.16 1.60 1.28
CA ARG B 82 -19.72 2.20 0.07
C ARG B 82 -18.63 3.03 -0.61
N VAL B 83 -18.36 2.70 -1.87
CA VAL B 83 -17.24 3.30 -2.57
C VAL B 83 -17.70 4.01 -3.84
N ASN B 84 -17.25 5.25 -4.04
CA ASN B 84 -17.49 5.95 -5.29
C ASN B 84 -16.18 6.41 -5.91
N HIS B 85 -16.14 6.40 -7.25
CA HIS B 85 -14.93 6.68 -8.00
C HIS B 85 -15.38 7.04 -9.40
N VAL B 86 -14.55 7.78 -10.14
CA VAL B 86 -14.93 8.23 -11.48
C VAL B 86 -15.30 7.08 -12.42
N THR B 87 -14.74 5.90 -12.17
CA THR B 87 -15.01 4.72 -12.99
C THR B 87 -16.35 4.05 -12.70
N LEU B 88 -16.99 4.46 -11.61
CA LEU B 88 -18.20 3.76 -11.15
C LEU B 88 -19.48 4.46 -11.60
N SER B 89 -20.35 3.71 -12.25
CA SER B 89 -21.63 4.22 -12.72
C SER B 89 -22.54 4.59 -11.54
N GLN B 90 -22.52 3.74 -10.52
CA GLN B 90 -23.18 4.02 -9.25
C GLN B 90 -22.21 3.61 -8.15
N PRO B 91 -22.36 4.20 -6.96
CA PRO B 91 -21.53 3.75 -5.83
C PRO B 91 -21.69 2.27 -5.61
N LYS B 92 -20.59 1.62 -5.24
CA LYS B 92 -20.60 0.18 -5.03
C LYS B 92 -20.68 -0.06 -3.54
N ILE B 93 -21.63 -0.89 -3.12
CA ILE B 93 -21.75 -1.27 -1.73
C ILE B 93 -21.36 -2.72 -1.55
N VAL B 94 -20.40 -2.96 -0.65
CA VAL B 94 -19.99 -4.32 -0.32
C VAL B 94 -20.34 -4.58 1.14
N LYS B 95 -21.14 -5.60 1.38
CA LYS B 95 -21.56 -5.91 2.75
C LYS B 95 -20.47 -6.62 3.53
N TRP B 96 -20.34 -6.28 4.81
CA TRP B 96 -19.43 -7.01 5.67
C TRP B 96 -19.98 -8.41 5.98
N ASP B 97 -19.12 -9.40 5.79
CA ASP B 97 -19.41 -10.79 6.11
C ASP B 97 -18.30 -11.21 7.05
N ARG B 98 -18.66 -11.61 8.28
CA ARG B 98 -17.65 -11.98 9.27
C ARG B 98 -16.86 -13.23 8.85
N ASP B 99 -17.40 -13.94 7.86
CA ASP B 99 -16.75 -15.15 7.35
C ASP B 99 -15.81 -14.84 6.18
N MET B 100 -15.63 -13.56 5.88
CA MET B 100 -14.76 -13.15 4.77
C MET B 100 -13.88 -11.96 5.13
N ARG C 1 15.67 8.70 5.62
CA ARG C 1 15.52 10.13 5.33
C ARG C 1 15.35 10.36 3.84
N VAL C 2 14.58 11.39 3.49
CA VAL C 2 14.27 11.67 2.09
C VAL C 2 15.48 12.22 1.34
N ALA C 3 15.45 12.10 0.02
CA ALA C 3 16.49 12.67 -0.83
C ALA C 3 16.45 14.18 -0.73
N GLN C 4 17.62 14.80 -0.70
CA GLN C 4 17.71 16.25 -0.60
C GLN C 4 18.31 16.81 -1.88
N LEU C 5 17.53 16.81 -2.94
CA LEU C 5 17.98 17.38 -4.21
C LEU C 5 17.32 18.73 -4.45
N GLU C 6 18.13 19.68 -4.90
CA GLU C 6 17.69 21.06 -5.04
C GLU C 6 16.94 21.31 -6.34
N GLN C 7 15.67 21.69 -6.22
CA GLN C 7 14.85 22.13 -7.33
C GLN C 7 15.00 21.25 -8.57
N VAL C 8 14.59 19.98 -8.46
CA VAL C 8 14.67 19.09 -9.60
C VAL C 8 13.45 19.27 -10.49
N TYR C 9 13.59 20.12 -11.50
CA TYR C 9 12.48 20.36 -12.43
C TYR C 9 12.59 19.40 -13.62
N ILE C 10 11.43 18.96 -14.10
CA ILE C 10 11.38 18.09 -15.27
C ILE C 10 11.50 18.89 -16.56
#